data_1JJO
#
_entry.id   1JJO
#
_cell.length_a   64.290
_cell.length_b   108.690
_cell.length_c   45.990
_cell.angle_alpha   90.00
_cell.angle_beta   101.28
_cell.angle_gamma   90.00
#
_symmetry.space_group_name_H-M   'P 1 21 1'
#
loop_
_entity.id
_entity.type
_entity.pdbx_description
1 polymer NEUROSERPIN
2 polymer NEUROSERPIN
3 polymer NEUROSERPIN
#
loop_
_entity_poly.entity_id
_entity_poly.type
_entity_poly.pdbx_seq_one_letter_code
_entity_poly.pdbx_strand_id
1 'polypeptide(L)' TITEWSVNMYNHLRGTGEDENILFSPLSIALAMGMMELGA A,B
2 'polypeptide(L)'
;ENQYVMKLANSLFVQNGFHVNEEFLQMLKMYFNAEVNHVDFSQNVAVANSINKWVENYTNSLLKDLVSPEDFDGVTNLAL
INAVYFKGNWKSQFRPENTRTFSFTKDDESEVQIPMMYQQGEFYYGEFSDGSNEAGGIYQVLEIPYEGDEISMMLALSRQ
EVPLATLEPLLKAQLIEEWANSVKKQKVEVYLPRFTVEQEIDLKDILKALGVTEIFIKDANLTAMSDKKELFLSKAVHKS
CIEVNEEGSEAAAASGMIAIS
;
C,D
3 'polypeptide(L)' YPQVIVDHPFLYLIRNRKSGIILFMGRVMNPHH E,F
#
# COMPACT_ATOMS: atom_id res chain seq x y z
N THR A 1 10.64 16.44 -1.85
CA THR A 1 10.44 17.59 -0.92
C THR A 1 9.73 17.14 0.36
N ILE A 2 9.67 15.83 0.57
CA ILE A 2 9.01 15.22 1.72
C ILE A 2 8.79 16.06 2.99
N THR A 3 9.81 16.12 3.85
CA THR A 3 9.74 16.84 5.13
C THR A 3 9.82 18.36 5.05
N GLU A 4 10.58 18.88 4.09
CA GLU A 4 10.67 20.32 3.95
C GLU A 4 9.31 20.83 3.52
N TRP A 5 8.58 19.97 2.83
CA TRP A 5 7.26 20.33 2.37
C TRP A 5 6.33 20.43 3.57
N SER A 6 6.26 19.34 4.35
CA SER A 6 5.41 19.32 5.53
C SER A 6 5.84 20.32 6.59
N VAL A 7 7.07 20.81 6.53
CA VAL A 7 7.54 21.81 7.50
C VAL A 7 7.15 23.19 7.01
N ASN A 8 6.37 23.23 5.93
CA ASN A 8 5.90 24.49 5.39
C ASN A 8 4.44 24.67 5.76
N MET A 9 3.68 23.59 5.72
CA MET A 9 2.28 23.68 6.11
C MET A 9 2.33 24.05 7.60
N TYR A 10 3.12 23.31 8.37
CA TYR A 10 3.26 23.60 9.79
C TYR A 10 3.58 25.07 9.94
N ASN A 11 4.41 25.58 9.03
CA ASN A 11 4.81 26.98 9.05
C ASN A 11 3.69 27.86 8.54
N HIS A 12 2.60 27.26 8.11
CA HIS A 12 1.48 28.02 7.65
C HIS A 12 0.42 28.06 8.73
N LEU A 13 0.04 26.89 9.23
CA LEU A 13 -0.99 26.77 10.26
C LEU A 13 -0.72 27.55 11.55
N ARG A 14 0.45 28.19 11.64
CA ARG A 14 0.80 28.97 12.83
C ARG A 14 1.01 30.44 12.52
N GLY A 15 0.85 30.81 11.25
CA GLY A 15 0.99 32.20 10.86
C GLY A 15 -0.33 32.94 11.03
N THR A 16 -1.38 32.19 11.34
CA THR A 16 -2.72 32.74 11.55
C THR A 16 -2.73 33.69 12.74
N GLY A 17 -1.92 33.38 13.76
CA GLY A 17 -1.85 34.22 14.94
C GLY A 17 -2.29 33.47 16.18
N GLU A 18 -3.44 32.80 16.09
CA GLU A 18 -3.99 32.04 17.20
C GLU A 18 -3.01 30.98 17.70
N ASP A 19 -2.39 31.26 18.84
CA ASP A 19 -1.42 30.33 19.45
C ASP A 19 -2.16 29.10 19.96
N GLU A 20 -2.77 28.38 19.03
CA GLU A 20 -3.54 27.17 19.30
C GLU A 20 -2.92 25.92 18.70
N ASN A 21 -3.25 24.76 19.27
CA ASN A 21 -2.74 23.48 18.79
C ASN A 21 -2.95 23.33 17.28
N ILE A 22 -2.06 22.60 16.63
CA ILE A 22 -2.23 22.34 15.21
C ILE A 22 -1.73 20.93 14.97
N LEU A 23 -2.50 20.15 14.22
CA LEU A 23 -2.16 18.75 13.92
C LEU A 23 -2.55 18.29 12.54
N PHE A 24 -1.56 17.88 11.75
CA PHE A 24 -1.86 17.37 10.41
C PHE A 24 -1.09 16.10 10.12
N SER A 25 -1.36 15.54 8.96
CA SER A 25 -0.75 14.29 8.53
C SER A 25 -0.16 14.47 7.15
N PRO A 26 1.15 14.74 7.07
CA PRO A 26 1.77 14.92 5.74
C PRO A 26 1.57 13.70 4.85
N LEU A 27 1.74 12.52 5.44
CA LEU A 27 1.59 11.26 4.71
C LEU A 27 0.24 11.17 4.01
N SER A 28 -0.83 11.56 4.71
CA SER A 28 -2.19 11.52 4.15
C SER A 28 -2.46 12.55 3.05
N ILE A 29 -2.02 13.78 3.25
CA ILE A 29 -2.24 14.82 2.26
C ILE A 29 -1.37 14.51 1.04
N ALA A 30 -0.14 14.09 1.30
CA ALA A 30 0.81 13.74 0.23
C ALA A 30 0.25 12.61 -0.61
N LEU A 31 -0.55 11.76 0.02
CA LEU A 31 -1.17 10.64 -0.68
C LEU A 31 -2.39 11.08 -1.47
N ALA A 32 -3.07 12.12 -1.01
CA ALA A 32 -4.25 12.62 -1.71
C ALA A 32 -3.85 13.38 -2.96
N MET A 33 -2.81 14.20 -2.84
CA MET A 33 -2.33 14.98 -3.99
C MET A 33 -1.75 14.04 -5.02
N GLY A 34 -1.26 12.89 -4.55
CA GLY A 34 -0.67 11.90 -5.42
C GLY A 34 -1.70 11.38 -6.41
N MET A 35 -2.82 10.89 -5.88
CA MET A 35 -3.89 10.39 -6.72
C MET A 35 -4.33 11.57 -7.58
N MET A 36 -4.59 12.68 -6.90
CA MET A 36 -5.04 13.94 -7.51
C MET A 36 -4.18 14.32 -8.72
N GLU A 37 -2.88 14.04 -8.64
CA GLU A 37 -1.97 14.33 -9.74
C GLU A 37 -1.78 13.12 -10.65
N LEU A 38 -2.75 12.21 -10.65
CA LEU A 38 -2.70 11.01 -11.50
C LEU A 38 -3.42 11.26 -12.82
N GLY A 39 -4.19 12.34 -12.87
CA GLY A 39 -4.93 12.67 -14.08
C GLY A 39 -6.09 13.61 -13.83
N ALA A 40 -5.79 14.87 -13.54
CA ALA A 40 -6.81 15.88 -13.28
C ALA A 40 -6.22 17.28 -13.32
N GLU B 1 7.47 -4.76 11.91
CA GLU B 1 6.45 -3.72 11.55
C GLU B 1 5.03 -4.24 11.78
N ASN B 2 4.94 -5.45 12.34
CA ASN B 2 3.64 -6.05 12.64
C ASN B 2 3.52 -6.01 14.17
N GLN B 3 4.36 -5.18 14.78
CA GLN B 3 4.36 -5.04 16.23
C GLN B 3 3.43 -3.88 16.59
N TYR B 4 2.97 -3.13 15.59
CA TYR B 4 2.06 -2.00 15.80
C TYR B 4 1.01 -1.96 14.69
N VAL B 5 0.27 -0.86 14.55
CA VAL B 5 -0.77 -0.78 13.53
C VAL B 5 -0.75 0.49 12.68
N MET B 6 -0.48 0.35 11.38
CA MET B 6 -0.44 1.52 10.48
C MET B 6 -1.50 1.53 9.38
N LYS B 7 -2.29 0.45 9.28
CA LYS B 7 -3.36 0.31 8.28
C LYS B 7 -3.67 1.58 7.49
N LEU B 8 -3.48 1.52 6.18
CA LEU B 8 -3.68 2.68 5.31
C LEU B 8 -4.64 2.36 4.15
N ALA B 9 -5.35 3.36 3.63
CA ALA B 9 -6.28 3.09 2.53
C ALA B 9 -6.88 4.28 1.79
N ASN B 10 -7.03 4.11 0.48
CA ASN B 10 -7.59 5.14 -0.40
C ASN B 10 -8.87 4.69 -1.08
N SER B 11 -9.54 5.64 -1.72
CA SER B 11 -10.79 5.36 -2.42
C SER B 11 -11.15 6.53 -3.31
N LEU B 12 -12.17 6.31 -4.13
CA LEU B 12 -12.66 7.32 -5.05
C LEU B 12 -14.18 7.26 -5.10
N PHE B 13 -14.82 8.42 -5.12
CA PHE B 13 -16.26 8.48 -5.21
C PHE B 13 -16.59 9.30 -6.45
N VAL B 14 -17.47 8.78 -7.28
CA VAL B 14 -17.82 9.48 -8.51
C VAL B 14 -19.28 9.29 -8.89
N GLN B 15 -19.86 10.28 -9.57
CA GLN B 15 -21.25 10.21 -9.99
C GLN B 15 -21.43 8.87 -10.72
N ASN B 16 -22.59 8.24 -10.55
CA ASN B 16 -22.81 6.94 -11.15
C ASN B 16 -22.71 6.93 -12.67
N GLY B 17 -23.46 7.82 -13.33
CA GLY B 17 -23.45 7.87 -14.78
C GLY B 17 -22.20 8.48 -15.39
N PHE B 18 -21.47 9.22 -14.56
CA PHE B 18 -20.24 9.88 -14.98
C PHE B 18 -19.15 8.85 -15.26
N HIS B 19 -18.55 8.95 -16.44
CA HIS B 19 -17.50 8.04 -16.86
C HIS B 19 -16.20 8.84 -16.83
N VAL B 20 -15.09 8.17 -16.57
CA VAL B 20 -13.80 8.85 -16.53
C VAL B 20 -12.71 7.92 -17.04
N ASN B 21 -11.59 8.51 -17.48
CA ASN B 21 -10.48 7.73 -18.01
C ASN B 21 -10.32 6.39 -17.30
N GLU B 22 -10.50 5.29 -18.04
CA GLU B 22 -10.37 3.94 -17.50
C GLU B 22 -8.91 3.66 -17.18
N GLU B 23 -8.02 4.32 -17.91
CA GLU B 23 -6.58 4.17 -17.71
C GLU B 23 -6.19 5.19 -16.64
N PHE B 24 -6.95 5.18 -15.56
CA PHE B 24 -6.75 6.05 -14.41
C PHE B 24 -7.39 5.33 -13.24
N LEU B 25 -8.38 4.51 -13.53
CA LEU B 25 -9.04 3.77 -12.48
C LEU B 25 -8.08 2.72 -11.97
N GLN B 26 -7.65 1.81 -12.84
CA GLN B 26 -6.71 0.78 -12.43
C GLN B 26 -5.50 1.50 -11.90
N MET B 27 -5.14 2.58 -12.58
CA MET B 27 -4.02 3.42 -12.18
C MET B 27 -4.12 3.57 -10.67
N LEU B 28 -5.20 4.22 -10.23
CA LEU B 28 -5.47 4.39 -8.80
C LEU B 28 -5.45 3.00 -8.18
N LYS B 29 -6.45 2.21 -8.57
CA LYS B 29 -6.65 0.84 -8.10
C LYS B 29 -5.39 0.10 -7.73
N MET B 30 -4.41 0.12 -8.63
CA MET B 30 -3.14 -0.57 -8.41
C MET B 30 -2.15 0.17 -7.52
N TYR B 31 -1.79 1.39 -7.93
CA TYR B 31 -0.83 2.21 -7.18
C TYR B 31 -1.34 2.68 -5.82
N PHE B 32 -2.50 3.32 -5.80
CA PHE B 32 -3.04 3.80 -4.55
C PHE B 32 -4.01 2.83 -3.87
N ASN B 33 -4.16 1.64 -4.44
CA ASN B 33 -5.04 0.61 -3.88
C ASN B 33 -6.41 1.21 -3.56
N ALA B 34 -6.85 2.12 -4.44
CA ALA B 34 -8.11 2.82 -4.28
C ALA B 34 -9.36 1.93 -4.37
N GLU B 35 -10.45 2.39 -3.75
CA GLU B 35 -11.73 1.68 -3.78
C GLU B 35 -12.66 2.57 -4.58
N VAL B 36 -12.89 2.23 -5.85
CA VAL B 36 -13.74 3.05 -6.69
C VAL B 36 -15.23 2.80 -6.48
N ASN B 37 -15.84 3.63 -5.65
CA ASN B 37 -17.24 3.51 -5.31
C ASN B 37 -18.09 4.55 -6.01
N HIS B 38 -19.22 4.12 -6.58
CA HIS B 38 -20.14 5.00 -7.29
C HIS B 38 -21.24 5.49 -6.37
N VAL B 39 -21.44 6.80 -6.34
CA VAL B 39 -22.46 7.45 -5.50
C VAL B 39 -23.27 8.45 -6.32
N ASP B 40 -24.11 9.23 -5.63
CA ASP B 40 -24.94 10.26 -6.29
C ASP B 40 -24.75 11.60 -5.57
N PHE B 41 -23.74 12.35 -6.00
CA PHE B 41 -23.39 13.62 -5.40
C PHE B 41 -24.49 14.67 -5.38
N SER B 42 -25.62 14.38 -6.00
CA SER B 42 -26.73 15.34 -6.02
C SER B 42 -27.37 15.33 -4.62
N GLN B 43 -27.43 14.14 -4.03
CA GLN B 43 -28.02 13.89 -2.71
C GLN B 43 -27.15 14.35 -1.52
N ASN B 44 -26.71 15.61 -1.57
CA ASN B 44 -25.85 16.18 -0.53
C ASN B 44 -25.71 15.39 0.76
N VAL B 45 -26.76 15.35 1.56
CA VAL B 45 -26.72 14.63 2.84
C VAL B 45 -26.36 13.15 2.66
N ALA B 46 -26.99 12.50 1.69
CA ALA B 46 -26.77 11.08 1.40
C ALA B 46 -25.32 10.72 1.08
N VAL B 47 -24.63 11.58 0.34
CA VAL B 47 -23.24 11.34 -0.02
C VAL B 47 -22.27 11.62 1.14
N ALA B 48 -22.61 12.59 1.99
CA ALA B 48 -21.76 12.92 3.13
C ALA B 48 -21.76 11.72 4.05
N ASN B 49 -22.94 11.24 4.44
CA ASN B 49 -23.01 10.07 5.32
C ASN B 49 -22.12 8.99 4.70
N SER B 50 -22.35 8.72 3.42
CA SER B 50 -21.56 7.74 2.70
C SER B 50 -20.09 7.93 3.10
N ILE B 51 -19.45 8.89 2.46
CA ILE B 51 -18.05 9.24 2.71
C ILE B 51 -17.67 9.31 4.19
N ASN B 52 -18.55 9.86 5.02
CA ASN B 52 -18.25 9.95 6.44
C ASN B 52 -18.17 8.57 7.03
N LYS B 53 -19.13 7.74 6.66
CA LYS B 53 -19.20 6.37 7.14
C LYS B 53 -17.99 5.59 6.66
N TRP B 54 -17.37 6.07 5.58
CA TRP B 54 -16.18 5.41 5.01
C TRP B 54 -14.96 5.76 5.86
N VAL B 55 -14.64 7.05 5.93
CA VAL B 55 -13.49 7.51 6.70
C VAL B 55 -13.70 7.17 8.17
N GLU B 56 -14.95 7.22 8.59
CA GLU B 56 -15.30 6.91 9.97
C GLU B 56 -15.19 5.39 10.15
N ASN B 57 -14.70 4.72 9.10
CA ASN B 57 -14.56 3.27 9.12
C ASN B 57 -13.12 2.79 8.97
N TYR B 58 -12.29 3.60 8.30
CA TYR B 58 -10.88 3.26 8.09
C TYR B 58 -9.95 3.98 9.05
N THR B 59 -10.51 4.65 10.06
CA THR B 59 -9.72 5.35 11.05
C THR B 59 -10.27 5.05 12.43
N ASN B 60 -10.91 3.89 12.55
CA ASN B 60 -11.49 3.41 13.80
C ASN B 60 -12.50 4.34 14.47
N SER B 61 -13.08 5.24 13.69
CA SER B 61 -14.08 6.18 14.19
C SER B 61 -13.53 7.35 15.00
N LEU B 62 -12.28 7.73 14.73
CA LEU B 62 -11.70 8.87 15.43
C LEU B 62 -12.03 10.13 14.65
N LEU B 63 -12.36 9.95 13.37
CA LEU B 63 -12.72 11.08 12.50
C LEU B 63 -14.11 10.84 11.94
N LYS B 64 -15.12 11.21 12.72
CA LYS B 64 -16.52 11.00 12.37
C LYS B 64 -17.10 11.96 11.33
N ASP B 65 -16.58 13.18 11.26
CA ASP B 65 -17.10 14.15 10.31
C ASP B 65 -16.02 14.67 9.40
N LEU B 66 -15.72 13.95 8.33
CA LEU B 66 -14.67 14.41 7.40
C LEU B 66 -15.25 15.43 6.43
N VAL B 67 -15.98 14.96 5.42
CA VAL B 67 -16.59 15.83 4.43
C VAL B 67 -18.00 16.21 4.89
N SER B 68 -18.51 17.33 4.39
CA SER B 68 -19.84 17.79 4.77
C SER B 68 -20.72 18.05 3.55
N PRO B 69 -22.05 18.09 3.74
CA PRO B 69 -22.98 18.34 2.64
C PRO B 69 -22.65 19.63 1.93
N GLU B 70 -22.00 20.53 2.67
CA GLU B 70 -21.59 21.83 2.15
C GLU B 70 -20.37 21.73 1.23
N ASP B 71 -19.53 20.73 1.41
CA ASP B 71 -18.35 20.59 0.56
C ASP B 71 -18.76 20.13 -0.85
N PHE B 72 -19.97 19.60 -0.95
CA PHE B 72 -20.48 19.11 -2.22
C PHE B 72 -21.26 20.24 -2.94
N ASP B 73 -22.03 19.89 -3.97
CA ASP B 73 -22.83 20.91 -4.70
C ASP B 73 -23.44 20.27 -5.95
N GLY B 74 -24.05 20.93 -6.90
CA GLY B 74 -24.58 20.10 -8.05
C GLY B 74 -23.48 19.53 -9.07
N VAL B 75 -22.33 20.21 -9.15
CA VAL B 75 -21.27 19.91 -10.19
C VAL B 75 -20.23 18.90 -9.71
N THR B 76 -20.40 18.42 -8.49
CA THR B 76 -19.47 17.46 -7.92
C THR B 76 -19.60 16.10 -8.61
N ASN B 77 -18.56 15.76 -9.36
CA ASN B 77 -18.52 14.50 -10.10
C ASN B 77 -17.61 13.49 -9.40
N LEU B 78 -16.51 13.97 -8.84
CA LEU B 78 -15.55 13.11 -8.16
C LEU B 78 -15.34 13.59 -6.73
N ALA B 79 -14.49 12.87 -6.01
CA ALA B 79 -14.16 13.18 -4.63
C ALA B 79 -13.11 12.19 -4.15
N LEU B 80 -11.85 12.60 -4.18
CA LEU B 80 -10.74 11.75 -3.73
C LEU B 80 -10.65 11.76 -2.20
N ILE B 81 -10.49 10.61 -1.57
CA ILE B 81 -10.40 10.59 -0.10
C ILE B 81 -9.33 9.63 0.39
N ASN B 82 -8.55 10.06 1.37
CA ASN B 82 -7.52 9.22 1.97
C ASN B 82 -7.68 9.19 3.50
N ALA B 83 -7.38 8.06 4.10
CA ALA B 83 -7.49 7.94 5.54
C ALA B 83 -6.32 7.16 6.13
N VAL B 84 -5.51 7.86 6.92
CA VAL B 84 -4.35 7.29 7.61
C VAL B 84 -4.71 6.99 9.06
N TYR B 85 -4.35 5.81 9.56
CA TYR B 85 -4.67 5.48 10.94
C TYR B 85 -3.51 4.83 11.67
N PHE B 86 -2.98 5.50 12.69
CA PHE B 86 -1.85 4.97 13.45
C PHE B 86 -2.27 4.45 14.81
N LYS B 87 -1.65 3.35 15.23
CA LYS B 87 -1.95 2.74 16.51
C LYS B 87 -0.81 1.83 16.98
N GLY B 88 -0.02 2.33 17.92
CA GLY B 88 1.10 1.56 18.45
C GLY B 88 1.25 1.68 19.96
N ASN B 89 2.20 0.97 20.54
CA ASN B 89 2.43 1.02 21.99
C ASN B 89 3.84 1.50 22.31
N TRP B 90 3.95 2.43 23.22
CA TRP B 90 5.25 2.94 23.62
C TRP B 90 6.10 1.67 23.82
N LYS B 91 7.32 1.66 23.30
CA LYS B 91 8.18 0.49 23.48
C LYS B 91 8.32 0.34 25.00
N SER B 92 8.49 1.48 25.67
CA SER B 92 8.57 1.53 27.13
C SER B 92 7.47 2.47 27.59
N GLN B 93 6.30 1.90 27.88
CA GLN B 93 5.12 2.67 28.30
C GLN B 93 5.15 3.20 29.74
N PHE B 94 4.49 4.33 29.94
CA PHE B 94 4.39 4.98 31.25
C PHE B 94 3.54 4.15 32.18
N ARG B 95 3.55 4.49 33.46
CA ARG B 95 2.73 3.78 34.43
C ARG B 95 1.57 4.70 34.74
N PRO B 96 0.34 4.18 34.69
CA PRO B 96 -0.79 5.05 35.00
C PRO B 96 -0.78 5.39 36.49
N GLU B 97 0.12 4.75 37.23
CA GLU B 97 0.24 5.00 38.66
C GLU B 97 1.28 6.09 39.00
N ASN B 98 2.01 6.59 38.01
CA ASN B 98 2.98 7.64 38.25
C ASN B 98 2.46 8.92 37.63
N THR B 99 1.23 8.85 37.15
CA THR B 99 0.56 9.98 36.52
C THR B 99 -0.06 10.84 37.63
N ARG B 100 0.45 12.06 37.79
CA ARG B 100 -0.05 12.98 38.81
C ARG B 100 -0.34 14.34 38.17
N THR B 101 -1.36 15.04 38.66
CA THR B 101 -1.68 16.35 38.11
C THR B 101 -0.45 17.23 38.17
N PHE B 102 -0.27 18.06 37.16
CA PHE B 102 0.84 19.00 37.09
C PHE B 102 0.20 20.23 36.46
N SER B 103 0.90 21.34 36.45
CA SER B 103 0.36 22.57 35.88
C SER B 103 1.06 22.97 34.60
N PHE B 104 0.41 22.70 33.47
CA PHE B 104 0.96 23.06 32.17
C PHE B 104 0.75 24.56 32.01
N THR B 105 1.83 25.28 31.76
CA THR B 105 1.76 26.71 31.59
C THR B 105 1.95 27.03 30.10
N LYS B 106 0.86 27.38 29.42
CA LYS B 106 0.91 27.71 28.01
C LYS B 106 1.81 28.94 27.82
N ASP B 107 2.40 29.10 26.64
CA ASP B 107 3.26 30.25 26.36
C ASP B 107 2.47 31.52 26.65
N ASP B 108 1.15 31.37 26.73
CA ASP B 108 0.19 32.45 27.01
C ASP B 108 0.27 32.92 28.47
N GLU B 109 1.16 32.30 29.24
CA GLU B 109 1.34 32.60 30.66
C GLU B 109 0.06 32.20 31.41
N SER B 110 -0.79 31.44 30.73
CA SER B 110 -2.04 30.95 31.32
C SER B 110 -1.71 29.65 32.03
N GLU B 111 -2.70 29.09 32.73
CA GLU B 111 -2.49 27.85 33.45
C GLU B 111 -3.53 26.81 33.06
N VAL B 112 -3.13 25.55 33.12
CA VAL B 112 -4.03 24.46 32.82
C VAL B 112 -3.65 23.23 33.64
N GLN B 113 -4.52 22.81 34.56
CA GLN B 113 -4.21 21.63 35.36
C GLN B 113 -4.26 20.46 34.39
N ILE B 114 -3.48 19.43 34.63
CA ILE B 114 -3.45 18.33 33.68
C ILE B 114 -2.79 17.04 34.21
N PRO B 115 -3.20 15.87 33.67
CA PRO B 115 -2.66 14.57 34.05
C PRO B 115 -1.26 14.39 33.46
N MET B 116 -0.26 14.26 34.33
CA MET B 116 1.12 14.12 33.89
C MET B 116 1.68 12.72 33.97
N MET B 117 2.16 12.24 32.83
CA MET B 117 2.74 10.91 32.74
C MET B 117 4.21 10.98 33.12
N TYR B 118 4.64 9.98 33.88
CA TYR B 118 6.02 9.89 34.35
C TYR B 118 6.64 8.51 34.25
N GLN B 119 7.93 8.48 33.90
CA GLN B 119 8.67 7.22 33.81
C GLN B 119 10.15 7.49 33.56
N GLN B 120 11.00 6.59 34.03
CA GLN B 120 12.43 6.73 33.79
C GLN B 120 12.74 5.70 32.71
N GLY B 121 13.02 6.14 31.48
CA GLY B 121 13.28 5.16 30.45
C GLY B 121 14.40 5.44 29.46
N GLU B 122 14.62 4.49 28.57
CA GLU B 122 15.65 4.61 27.54
C GLU B 122 15.09 5.32 26.32
N PHE B 123 15.48 6.58 26.14
CA PHE B 123 14.97 7.36 25.03
C PHE B 123 16.08 8.03 24.22
N TYR B 124 15.78 8.37 22.97
CA TYR B 124 16.75 9.04 22.13
C TYR B 124 16.66 10.47 22.60
N TYR B 125 17.71 10.93 23.26
CA TYR B 125 17.75 12.30 23.79
C TYR B 125 18.77 13.19 23.11
N GLY B 126 18.46 14.48 23.00
CA GLY B 126 19.38 15.39 22.37
C GLY B 126 19.10 16.85 22.68
N GLU B 127 20.16 17.59 22.96
CA GLU B 127 20.04 19.02 23.25
C GLU B 127 20.73 19.77 22.13
N PHE B 128 20.13 20.88 21.70
CA PHE B 128 20.69 21.67 20.61
C PHE B 128 20.69 23.18 20.92
N SER B 129 21.71 23.87 20.42
CA SER B 129 21.85 25.30 20.65
C SER B 129 20.80 26.13 19.93
N ASP B 130 20.47 27.29 20.49
CA ASP B 130 19.46 28.18 19.91
C ASP B 130 19.99 29.62 19.78
N GLY B 131 19.19 30.46 19.13
CA GLY B 131 19.56 31.85 18.92
C GLY B 131 20.32 32.48 20.06
N SER B 132 19.69 32.53 21.24
CA SER B 132 20.34 33.11 22.42
C SER B 132 20.83 32.01 23.33
N ASN B 133 22.11 32.08 23.69
CA ASN B 133 22.70 31.07 24.56
C ASN B 133 22.97 31.56 25.99
N GLU B 134 22.07 32.41 26.47
CA GLU B 134 22.17 32.94 27.84
C GLU B 134 22.28 31.73 28.77
N ALA B 135 21.14 31.23 29.23
CA ALA B 135 21.14 30.08 30.13
C ALA B 135 21.35 28.83 29.28
N GLY B 136 22.53 28.76 28.65
CA GLY B 136 22.83 27.62 27.81
C GLY B 136 21.68 27.50 26.82
N GLY B 137 21.64 28.41 25.86
CA GLY B 137 20.59 28.40 24.87
C GLY B 137 20.46 27.05 24.19
N ILE B 138 19.85 26.08 24.89
CA ILE B 138 19.67 24.74 24.34
C ILE B 138 18.29 24.17 24.67
N TYR B 139 17.55 23.82 23.62
CA TYR B 139 16.22 23.23 23.79
C TYR B 139 16.39 21.75 23.67
N GLN B 140 15.55 20.99 24.38
CA GLN B 140 15.65 19.55 24.34
C GLN B 140 14.90 18.90 23.19
N VAL B 141 15.15 17.61 23.04
CA VAL B 141 14.52 16.78 22.02
C VAL B 141 14.43 15.36 22.56
N LEU B 142 13.24 14.78 22.47
CA LEU B 142 13.03 13.43 22.95
C LEU B 142 12.37 12.62 21.85
N GLU B 143 12.86 11.41 21.64
CA GLU B 143 12.31 10.53 20.62
C GLU B 143 11.94 9.24 21.31
N ILE B 144 10.63 8.99 21.38
CA ILE B 144 10.11 7.79 22.02
C ILE B 144 9.58 6.91 20.92
N PRO B 145 10.15 5.70 20.77
CA PRO B 145 9.70 4.76 19.73
C PRO B 145 8.55 3.92 20.25
N TYR B 146 7.76 3.39 19.32
CA TYR B 146 6.64 2.52 19.68
C TYR B 146 7.16 1.09 19.58
N GLU B 147 6.31 0.09 19.86
CA GLU B 147 6.73 -1.30 19.83
C GLU B 147 7.50 -1.68 18.57
N GLY B 148 6.85 -1.64 17.41
CA GLY B 148 7.63 -1.96 16.23
C GLY B 148 8.69 -0.87 16.19
N ASP B 149 9.98 -1.25 16.14
CA ASP B 149 11.05 -0.25 16.09
C ASP B 149 10.96 0.67 14.86
N GLU B 150 9.76 0.90 14.35
CA GLU B 150 9.59 1.72 13.14
C GLU B 150 9.07 3.15 13.34
N ILE B 151 8.17 3.34 14.29
CA ILE B 151 7.61 4.69 14.51
C ILE B 151 8.13 5.29 15.81
N SER B 152 8.26 6.62 15.81
CA SER B 152 8.75 7.37 16.97
C SER B 152 8.01 8.68 17.09
N MET B 153 8.06 9.26 18.28
CA MET B 153 7.45 10.56 18.57
C MET B 153 8.57 11.51 18.96
N MET B 154 8.88 12.49 18.10
CA MET B 154 9.93 13.46 18.39
C MET B 154 9.42 14.75 19.03
N LEU B 155 9.95 15.08 20.20
CA LEU B 155 9.58 16.31 20.90
C LEU B 155 10.65 17.38 20.72
N ALA B 156 10.22 18.60 20.43
CA ALA B 156 11.14 19.72 20.30
C ALA B 156 10.66 20.57 21.48
N LEU B 157 11.45 20.61 22.54
CA LEU B 157 11.06 21.36 23.74
C LEU B 157 12.02 22.48 24.17
N SER B 158 11.44 23.59 24.63
CA SER B 158 12.26 24.72 25.10
C SER B 158 12.14 24.90 26.63
N ARG B 159 12.63 26.03 27.14
CA ARG B 159 12.56 26.30 28.58
C ARG B 159 11.26 27.02 28.87
N GLN B 160 10.73 26.85 30.08
CA GLN B 160 9.46 27.49 30.41
C GLN B 160 9.56 28.99 30.17
N GLU B 161 10.68 29.59 30.57
CA GLU B 161 10.85 31.02 30.39
C GLU B 161 11.00 31.45 28.93
N VAL B 162 10.86 30.51 28.01
CA VAL B 162 10.96 30.81 26.58
C VAL B 162 9.85 30.13 25.76
N PRO B 163 9.19 30.91 24.88
CA PRO B 163 8.11 30.37 24.05
C PRO B 163 8.58 29.28 23.09
N LEU B 164 7.61 28.54 22.55
CA LEU B 164 7.87 27.48 21.58
C LEU B 164 7.99 28.15 20.22
N ALA B 165 7.58 29.42 20.20
CA ALA B 165 7.57 30.26 19.00
C ALA B 165 8.94 30.87 18.68
N THR B 166 9.84 30.81 19.65
CA THR B 166 11.18 31.34 19.46
C THR B 166 12.04 30.21 18.89
N LEU B 167 11.44 29.03 18.83
CA LEU B 167 12.09 27.82 18.34
C LEU B 167 11.46 27.35 17.03
N GLU B 168 10.24 27.83 16.74
CA GLU B 168 9.55 27.43 15.51
C GLU B 168 10.21 27.91 14.21
N PRO B 169 10.73 29.15 14.18
CA PRO B 169 11.38 29.70 12.98
C PRO B 169 12.65 28.95 12.57
N LEU B 170 13.25 28.27 13.54
CA LEU B 170 14.45 27.48 13.28
C LEU B 170 14.09 26.22 12.48
N LEU B 171 12.91 25.68 12.76
CA LEU B 171 12.41 24.48 12.10
C LEU B 171 12.70 24.44 10.60
N LYS B 172 13.34 23.37 10.16
CA LYS B 172 13.64 23.16 8.76
C LYS B 172 13.79 21.65 8.57
N ALA B 173 13.68 21.19 7.33
CA ALA B 173 13.80 19.78 7.03
C ALA B 173 15.14 19.22 7.53
N GLN B 174 16.23 19.95 7.30
CA GLN B 174 17.53 19.47 7.74
C GLN B 174 17.77 19.64 9.23
N LEU B 175 16.80 20.21 9.93
CA LEU B 175 16.88 20.42 11.38
C LEU B 175 16.30 19.15 12.00
N ILE B 176 15.41 18.52 11.25
CA ILE B 176 14.76 17.30 11.67
C ILE B 176 15.69 16.14 11.37
N GLU B 177 16.55 16.29 10.36
CA GLU B 177 17.49 15.22 10.08
C GLU B 177 18.58 15.27 11.15
N GLU B 178 18.99 16.48 11.51
CA GLU B 178 19.99 16.60 12.55
C GLU B 178 19.40 16.14 13.88
N TRP B 179 18.07 16.02 13.94
CA TRP B 179 17.36 15.54 15.13
C TRP B 179 17.79 14.09 15.33
N ALA B 180 17.56 13.29 14.29
CA ALA B 180 17.86 11.87 14.31
C ALA B 180 19.28 11.45 13.90
N ASN B 181 20.24 12.36 14.03
CA ASN B 181 21.63 12.07 13.71
C ASN B 181 22.45 12.53 14.91
N SER B 182 21.74 12.79 16.00
CA SER B 182 22.35 13.26 17.22
C SER B 182 21.63 12.73 18.45
N VAL B 183 20.32 12.48 18.35
CA VAL B 183 19.59 11.96 19.51
C VAL B 183 20.17 10.64 19.95
N LYS B 184 21.03 10.68 20.95
CA LYS B 184 21.68 9.50 21.50
C LYS B 184 20.75 8.87 22.54
N LYS B 185 20.64 7.55 22.54
CA LYS B 185 19.78 6.85 23.50
C LYS B 185 20.45 6.76 24.87
N GLN B 186 19.83 7.45 25.82
CA GLN B 186 20.35 7.52 27.18
C GLN B 186 19.35 6.95 28.17
N LYS B 187 19.38 7.46 29.39
CA LYS B 187 18.50 6.97 30.43
C LYS B 187 17.63 8.10 31.01
N VAL B 188 17.18 9.00 30.15
CA VAL B 188 16.35 10.14 30.55
C VAL B 188 15.07 9.88 31.39
N GLU B 189 14.74 10.85 32.23
CA GLU B 189 13.55 10.80 33.08
C GLU B 189 12.50 11.74 32.46
N VAL B 190 11.54 11.20 31.70
CA VAL B 190 10.52 12.04 31.06
C VAL B 190 9.27 12.32 31.89
N TYR B 191 8.60 13.40 31.50
CA TYR B 191 7.38 13.92 32.11
C TYR B 191 6.54 14.45 30.97
N LEU B 192 5.80 13.56 30.32
CA LEU B 192 4.95 13.96 29.21
C LEU B 192 3.54 13.97 29.76
N PRO B 193 2.63 14.72 29.12
CA PRO B 193 1.25 14.76 29.61
C PRO B 193 0.32 13.84 28.81
N ARG B 194 -0.77 13.41 29.43
CA ARG B 194 -1.77 12.60 28.74
C ARG B 194 -2.61 13.62 27.99
N PHE B 195 -2.76 13.46 26.69
CA PHE B 195 -3.51 14.46 25.95
C PHE B 195 -4.04 13.95 24.61
N THR B 196 -5.17 14.50 24.20
CA THR B 196 -5.79 14.13 22.94
C THR B 196 -6.29 15.35 22.24
N VAL B 197 -5.75 15.62 21.05
CA VAL B 197 -6.14 16.80 20.27
C VAL B 197 -6.47 16.48 18.81
N GLU B 198 -7.49 17.16 18.29
CA GLU B 198 -7.93 16.96 16.90
C GLU B 198 -8.16 18.28 16.20
N GLN B 199 -7.44 18.50 15.10
CA GLN B 199 -7.55 19.72 14.31
C GLN B 199 -8.36 19.48 13.05
N GLU B 200 -8.73 20.56 12.36
CA GLU B 200 -9.50 20.44 11.13
C GLU B 200 -9.11 21.54 10.13
N ILE B 201 -7.98 21.34 9.47
CA ILE B 201 -7.46 22.26 8.47
C ILE B 201 -8.44 22.33 7.29
N ASP B 202 -8.16 23.24 6.35
CA ASP B 202 -8.96 23.41 5.15
C ASP B 202 -7.96 23.63 4.01
N LEU B 203 -7.52 22.51 3.43
CA LEU B 203 -6.54 22.49 2.34
C LEU B 203 -6.69 23.57 1.25
N LYS B 204 -7.35 23.21 0.16
CA LYS B 204 -7.57 24.09 -0.99
C LYS B 204 -6.70 25.33 -0.96
N ASP B 205 -6.99 26.24 -0.05
CA ASP B 205 -6.22 27.47 0.04
C ASP B 205 -4.76 27.26 0.44
N ILE B 206 -4.50 26.39 1.42
CA ILE B 206 -3.11 26.16 1.84
C ILE B 206 -2.32 25.53 0.69
N LEU B 207 -2.99 24.74 -0.15
CA LEU B 207 -2.34 24.10 -1.29
C LEU B 207 -1.91 25.22 -2.22
N LYS B 208 -2.84 26.14 -2.48
CA LYS B 208 -2.60 27.29 -3.34
C LYS B 208 -1.52 28.18 -2.69
N ALA B 209 -1.66 28.40 -1.38
CA ALA B 209 -0.72 29.21 -0.60
C ALA B 209 0.50 28.37 -0.23
N LEU B 210 0.84 27.42 -1.10
CA LEU B 210 1.96 26.53 -0.89
C LEU B 210 2.59 26.15 -2.22
N GLY B 211 1.80 26.21 -3.29
CA GLY B 211 2.33 25.88 -4.60
C GLY B 211 1.34 25.35 -5.63
N VAL B 212 0.80 24.15 -5.39
CA VAL B 212 -0.15 23.53 -6.29
C VAL B 212 -1.09 24.57 -6.89
N THR B 213 -1.04 24.72 -8.21
CA THR B 213 -1.88 25.69 -8.91
C THR B 213 -2.71 24.96 -9.96
N GLU B 214 -2.50 23.66 -10.08
CA GLU B 214 -3.23 22.85 -11.05
C GLU B 214 -4.11 21.84 -10.33
N PHE B 232 -10.66 22.08 -11.77
CA PHE B 232 -9.99 22.49 -10.49
C PHE B 232 -10.91 22.11 -9.32
N LEU B 233 -10.33 21.56 -8.27
CA LEU B 233 -11.14 21.16 -7.12
C LEU B 233 -12.07 22.28 -6.64
N SER B 234 -13.26 21.90 -6.22
CA SER B 234 -14.24 22.86 -5.73
C SER B 234 -14.20 22.83 -4.21
N LYS B 235 -13.11 22.29 -3.67
CA LYS B 235 -12.93 22.19 -2.22
C LYS B 235 -11.84 21.18 -1.87
N ALA B 236 -11.50 21.13 -0.58
CA ALA B 236 -10.48 20.24 -0.04
C ALA B 236 -10.69 20.23 1.48
N VAL B 237 -10.57 19.07 2.10
CA VAL B 237 -10.79 18.96 3.53
C VAL B 237 -9.84 17.99 4.23
N HIS B 238 -9.12 18.48 5.25
CA HIS B 238 -8.20 17.65 6.03
C HIS B 238 -8.66 17.62 7.48
N LYS B 239 -8.37 16.55 8.19
CA LYS B 239 -8.77 16.43 9.59
C LYS B 239 -8.00 15.30 10.22
N SER B 240 -7.66 15.43 11.50
CA SER B 240 -6.90 14.39 12.16
C SER B 240 -6.84 14.60 13.66
N CYS B 241 -6.75 13.51 14.41
CA CYS B 241 -6.68 13.57 15.86
C CYS B 241 -5.73 12.50 16.33
N ILE B 242 -5.17 12.70 17.52
CA ILE B 242 -4.27 11.73 18.11
C ILE B 242 -4.63 11.67 19.58
N GLU B 243 -4.36 10.54 20.24
CA GLU B 243 -4.70 10.45 21.66
C GLU B 243 -3.56 9.86 22.49
N VAL B 244 -2.56 10.69 22.77
CA VAL B 244 -1.44 10.21 23.58
C VAL B 244 -1.90 9.77 24.96
N ASN B 245 -1.15 8.88 25.60
CA ASN B 245 -1.48 8.39 26.96
C ASN B 245 -0.52 7.29 27.43
N GLU B 246 -0.71 6.81 28.65
CA GLU B 246 0.15 5.76 29.21
C GLU B 246 0.49 4.57 28.28
N GLU B 247 -0.52 3.86 27.80
CA GLU B 247 -0.26 2.72 26.93
C GLU B 247 0.58 3.07 25.69
N GLY B 248 0.05 3.93 24.83
CA GLY B 248 0.77 4.28 23.63
C GLY B 248 0.22 5.48 22.89
N SER B 249 -0.30 5.25 21.69
CA SER B 249 -0.84 6.33 20.89
C SER B 249 -1.73 5.82 19.76
N GLU B 250 -2.87 6.50 19.57
CA GLU B 250 -3.81 6.15 18.53
C GLU B 250 -4.19 7.40 17.76
N ALA B 251 -3.65 7.55 16.56
CA ALA B 251 -3.96 8.71 15.74
C ALA B 251 -4.51 8.30 14.38
N ALA B 252 -5.21 9.22 13.73
CA ALA B 252 -5.79 8.95 12.43
C ALA B 252 -5.99 10.26 11.73
N ALA B 253 -6.15 10.19 10.41
CA ALA B 253 -6.36 11.37 9.59
C ALA B 253 -7.17 10.95 8.37
N ALA B 254 -7.53 11.93 7.55
CA ALA B 254 -8.31 11.72 6.34
C ALA B 254 -8.32 13.04 5.58
N SER B 255 -8.21 12.94 4.27
CA SER B 255 -8.20 14.12 3.42
C SER B 255 -9.21 13.95 2.30
N GLY B 256 -9.91 15.03 1.97
CA GLY B 256 -10.90 14.94 0.93
C GLY B 256 -10.74 15.95 -0.18
N MET B 257 -10.45 15.45 -1.37
CA MET B 257 -10.30 16.30 -2.55
C MET B 257 -11.60 16.21 -3.33
N ILE B 258 -12.43 17.24 -3.23
CA ILE B 258 -13.70 17.26 -3.96
C ILE B 258 -13.53 17.95 -5.30
N ALA B 259 -13.66 17.19 -6.38
CA ALA B 259 -13.50 17.71 -7.72
C ALA B 259 -14.83 18.21 -8.29
N ILE B 260 -14.74 19.23 -9.14
CA ILE B 260 -15.92 19.82 -9.77
C ILE B 260 -16.10 19.34 -11.21
N SER B 261 -15.07 18.69 -11.74
CA SER B 261 -15.10 18.18 -13.10
C SER B 261 -14.37 16.84 -13.23
N TYR C 1 21.35 12.22 34.75
CA TYR C 1 19.96 11.97 34.28
C TYR C 1 19.31 13.17 33.63
N PRO C 2 19.28 13.21 32.30
CA PRO C 2 18.63 14.38 31.71
C PRO C 2 17.19 14.35 32.21
N GLN C 3 16.63 15.52 32.46
CA GLN C 3 15.24 15.62 32.93
C GLN C 3 14.48 16.41 31.88
N VAL C 4 13.43 15.82 31.34
CA VAL C 4 12.64 16.54 30.35
C VAL C 4 11.16 16.52 30.72
N ILE C 5 10.75 17.58 31.41
CA ILE C 5 9.39 17.79 31.86
C ILE C 5 8.71 18.63 30.78
N VAL C 6 7.84 18.01 30.00
CA VAL C 6 7.15 18.74 28.95
C VAL C 6 5.89 19.30 29.57
N ASP C 7 6.10 20.21 30.53
CA ASP C 7 5.02 20.84 31.25
C ASP C 7 4.66 22.18 30.62
N HIS C 8 5.08 22.37 29.37
CA HIS C 8 4.78 23.60 28.65
C HIS C 8 4.88 23.35 27.14
N PRO C 9 4.27 24.23 26.33
CA PRO C 9 4.26 24.14 24.86
C PRO C 9 5.42 23.44 24.14
N PHE C 10 5.05 22.60 23.18
CA PHE C 10 6.01 21.86 22.38
C PHE C 10 5.40 21.47 21.04
N LEU C 11 6.24 21.11 20.07
CA LEU C 11 5.77 20.67 18.76
C LEU C 11 6.17 19.19 18.69
N TYR C 12 5.45 18.39 17.90
CA TYR C 12 5.82 16.99 17.79
C TYR C 12 5.86 16.37 16.39
N LEU C 13 6.37 15.15 16.36
CA LEU C 13 6.48 14.39 15.12
C LEU C 13 6.30 12.89 15.33
N ILE C 14 5.17 12.34 14.92
CA ILE C 14 5.00 10.90 15.01
C ILE C 14 5.59 10.55 13.65
N ARG C 15 6.84 10.10 13.62
CA ARG C 15 7.45 9.79 12.35
C ARG C 15 8.17 8.46 12.35
N ASN C 16 8.41 7.94 11.16
CA ASN C 16 9.10 6.66 10.98
C ASN C 16 10.59 6.94 10.79
N ARG C 17 11.43 6.15 11.45
CA ARG C 17 12.87 6.34 11.31
C ARG C 17 13.40 5.75 10.02
N LYS C 18 13.56 4.44 9.99
CA LYS C 18 14.09 3.77 8.81
C LYS C 18 13.80 4.50 7.49
N SER C 19 12.59 5.02 7.31
CA SER C 19 12.24 5.70 6.06
C SER C 19 12.31 7.22 6.11
N GLY C 20 11.94 7.77 7.25
CA GLY C 20 11.96 9.22 7.42
C GLY C 20 10.70 9.95 6.96
N ILE C 21 9.61 9.22 6.71
CA ILE C 21 8.39 9.88 6.31
C ILE C 21 7.65 10.28 7.58
N ILE C 22 7.00 11.44 7.54
CA ILE C 22 6.25 11.96 8.68
C ILE C 22 4.79 11.53 8.59
N LEU C 23 4.28 10.96 9.68
CA LEU C 23 2.89 10.52 9.69
C LEU C 23 2.04 11.70 10.13
N PHE C 24 2.18 12.07 11.40
CA PHE C 24 1.44 13.17 12.00
C PHE C 24 2.44 14.19 12.53
N MET C 25 2.06 15.46 12.43
CA MET C 25 2.90 16.55 12.90
C MET C 25 2.05 17.67 13.50
N GLY C 26 2.64 18.46 14.39
CA GLY C 26 1.91 19.56 15.01
C GLY C 26 2.56 20.06 16.28
N ARG C 27 1.88 20.96 16.98
CA ARG C 27 2.38 21.52 18.24
C ARG C 27 1.26 21.48 19.26
N VAL C 28 1.63 21.39 20.54
CA VAL C 28 0.63 21.34 21.59
C VAL C 28 0.70 22.60 22.44
N MET C 29 -0.20 23.55 22.16
CA MET C 29 -0.29 24.79 22.91
C MET C 29 -1.12 24.57 24.16
N ASN C 30 -2.26 23.88 24.00
CA ASN C 30 -3.14 23.57 25.12
C ASN C 30 -3.26 22.04 25.24
N PRO C 31 -2.76 21.47 26.35
CA PRO C 31 -2.81 20.02 26.59
C PRO C 31 -4.17 19.57 27.08
N HIS C 32 -5.03 20.53 27.38
CA HIS C 32 -6.35 20.24 27.89
C HIS C 32 -7.31 19.56 26.91
N HIS C 33 -7.99 18.52 27.43
CA HIS C 33 -8.97 17.70 26.73
C HIS C 33 -8.77 16.23 27.15
N THR D 1 -5.28 0.55 -19.05
CA THR D 1 -5.10 -0.65 -19.93
C THR D 1 -4.94 -1.91 -19.10
N ILE D 2 -5.24 -1.81 -17.81
CA ILE D 2 -5.13 -2.91 -16.85
C ILE D 2 -5.11 -4.36 -17.38
N THR D 3 -6.29 -4.94 -17.59
CA THR D 3 -6.43 -6.32 -18.04
C THR D 3 -6.12 -6.58 -19.51
N GLU D 4 -6.40 -5.63 -20.38
CA GLU D 4 -6.12 -5.81 -21.79
C GLU D 4 -4.61 -5.87 -21.94
N TRP D 5 -3.93 -5.18 -21.03
CA TRP D 5 -2.48 -5.16 -21.05
C TRP D 5 -1.98 -6.54 -20.67
N SER D 6 -2.39 -7.02 -19.51
CA SER D 6 -1.96 -8.34 -19.05
C SER D 6 -2.43 -9.47 -19.95
N VAL D 7 -3.45 -9.23 -20.79
CA VAL D 7 -3.92 -10.27 -21.69
C VAL D 7 -3.10 -10.22 -22.96
N ASN D 8 -2.05 -9.42 -22.95
CA ASN D 8 -1.15 -9.32 -24.09
C ASN D 8 0.13 -10.07 -23.77
N MET D 9 0.60 -9.95 -22.53
CA MET D 9 1.79 -10.68 -22.14
C MET D 9 1.40 -12.16 -22.26
N TYR D 10 0.24 -12.51 -21.68
CA TYR D 10 -0.23 -13.89 -21.76
C TYR D 10 -0.21 -14.30 -23.22
N ASN D 11 -0.59 -13.36 -24.09
CA ASN D 11 -0.64 -13.61 -25.53
C ASN D 11 0.75 -13.61 -26.11
N HIS D 12 1.75 -13.33 -25.28
CA HIS D 12 3.11 -13.35 -25.76
C HIS D 12 3.77 -14.63 -25.31
N LEU D 13 3.69 -14.92 -24.00
CA LEU D 13 4.30 -16.11 -23.43
C LEU D 13 3.86 -17.44 -24.03
N ARG D 14 2.90 -17.39 -24.97
CA ARG D 14 2.40 -18.61 -25.60
C ARG D 14 2.66 -18.61 -27.12
N GLY D 15 3.27 -17.55 -27.62
CA GLY D 15 3.59 -17.48 -29.03
C GLY D 15 4.92 -18.13 -29.31
N THR D 16 5.63 -18.51 -28.24
CA THR D 16 6.94 -19.17 -28.34
C THR D 16 6.81 -20.51 -29.04
N GLY D 17 5.70 -21.19 -28.82
CA GLY D 17 5.47 -22.48 -29.44
C GLY D 17 5.34 -23.59 -28.41
N GLU D 18 6.27 -23.61 -27.45
CA GLU D 18 6.25 -24.62 -26.39
C GLU D 18 4.94 -24.59 -25.61
N ASP D 19 4.10 -25.59 -25.86
CA ASP D 19 2.80 -25.70 -25.17
C ASP D 19 3.04 -26.06 -23.71
N GLU D 20 3.73 -25.17 -23.01
CA GLU D 20 4.07 -25.33 -21.59
C GLU D 20 3.37 -24.31 -20.69
N ASN D 21 3.24 -24.65 -19.41
CA ASN D 21 2.60 -23.78 -18.43
C ASN D 21 3.21 -22.38 -18.47
N ILE D 22 2.41 -21.37 -18.16
CA ILE D 22 2.92 -20.02 -18.09
C ILE D 22 2.20 -19.33 -16.94
N LEU D 23 2.96 -18.63 -16.11
CA LEU D 23 2.39 -17.94 -14.94
C LEU D 23 3.06 -16.62 -14.62
N PHE D 24 2.29 -15.54 -14.64
CA PHE D 24 2.84 -14.24 -14.28
C PHE D 24 1.92 -13.47 -13.37
N SER D 25 2.39 -12.31 -12.95
CA SER D 25 1.64 -11.47 -12.02
C SER D 25 1.56 -10.08 -12.58
N PRO D 26 0.44 -9.73 -13.23
CA PRO D 26 0.29 -8.39 -13.81
C PRO D 26 0.47 -7.30 -12.73
N LEU D 27 -0.15 -7.52 -11.58
CA LEU D 27 -0.09 -6.59 -10.46
C LEU D 27 1.35 -6.24 -10.10
N SER D 28 2.22 -7.25 -10.04
CA SER D 28 3.62 -7.04 -9.70
C SER D 28 4.45 -6.32 -10.76
N ILE D 29 4.28 -6.69 -12.02
CA ILE D 29 5.02 -6.06 -13.09
C ILE D 29 4.51 -4.63 -13.25
N ALA D 30 3.19 -4.47 -13.18
CA ALA D 30 2.55 -3.16 -13.30
C ALA D 30 3.05 -2.22 -12.20
N LEU D 31 3.41 -2.81 -11.06
CA LEU D 31 3.91 -2.05 -9.94
C LEU D 31 5.38 -1.70 -10.12
N ALA D 32 6.13 -2.55 -10.83
CA ALA D 32 7.55 -2.30 -11.07
C ALA D 32 7.73 -1.20 -12.11
N MET D 33 6.93 -1.25 -13.17
CA MET D 33 7.01 -0.25 -14.23
C MET D 33 6.55 1.10 -13.68
N GLY D 34 5.70 1.04 -12.66
CA GLY D 34 5.17 2.24 -12.04
C GLY D 34 6.30 3.04 -11.41
N MET D 35 7.05 2.39 -10.54
CA MET D 35 8.19 3.03 -9.89
C MET D 35 9.12 3.46 -11.00
N MET D 36 9.43 2.49 -11.87
CA MET D 36 10.31 2.66 -13.02
C MET D 36 9.96 3.92 -13.82
N GLU D 37 8.68 4.22 -13.92
CA GLU D 37 8.24 5.40 -14.65
C GLU D 37 8.05 6.60 -13.71
N LEU D 38 8.73 6.59 -12.56
CA LEU D 38 8.65 7.68 -11.59
C LEU D 38 9.78 8.69 -11.82
N GLY D 39 10.75 8.29 -12.62
CA GLY D 39 11.87 9.17 -12.91
C GLY D 39 13.10 8.42 -13.42
N ALA D 40 13.03 7.93 -14.65
CA ALA D 40 14.14 7.20 -15.25
C ALA D 40 13.92 7.04 -16.76
N GLU E 1 -11.47 -8.14 4.06
CA GLU E 1 -10.17 -8.30 3.33
C GLU E 1 -9.06 -8.73 4.28
N ASN E 2 -9.42 -8.99 5.53
CA ASN E 2 -8.45 -9.45 6.52
C ASN E 2 -8.79 -10.92 6.77
N GLN E 3 -9.55 -11.49 5.84
CA GLN E 3 -9.94 -12.89 5.94
C GLN E 3 -8.93 -13.74 5.18
N TYR E 4 -8.02 -13.07 4.45
CA TYR E 4 -6.98 -13.76 3.69
C TYR E 4 -5.66 -12.99 3.78
N VAL E 5 -4.69 -13.29 2.93
CA VAL E 5 -3.39 -12.61 3.00
C VAL E 5 -2.86 -12.11 1.66
N MET E 6 -2.75 -10.78 1.49
CA MET E 6 -2.25 -10.20 0.24
C MET E 6 -0.93 -9.42 0.37
N LYS E 7 -0.43 -9.27 1.60
CA LYS E 7 0.83 -8.55 1.88
C LYS E 7 1.65 -8.19 0.65
N LEU E 8 1.85 -6.89 0.44
CA LEU E 8 2.57 -6.40 -0.74
C LEU E 8 3.73 -5.47 -0.34
N ALA E 9 4.78 -5.40 -1.16
CA ALA E 9 5.89 -4.52 -0.80
C ALA E 9 6.96 -4.25 -1.87
N ASN E 10 7.45 -3.00 -1.88
CA ASN E 10 8.47 -2.57 -2.83
C ASN E 10 9.75 -2.13 -2.14
N SER E 11 10.79 -1.91 -2.94
CA SER E 11 12.08 -1.49 -2.43
C SER E 11 12.95 -1.03 -3.56
N LEU E 12 14.09 -0.45 -3.19
CA LEU E 12 15.06 0.07 -4.14
C LEU E 12 16.46 -0.26 -3.65
N PHE E 13 17.34 -0.65 -4.57
CA PHE E 13 18.72 -0.95 -4.20
C PHE E 13 19.58 -0.05 -5.09
N VAL E 14 20.52 0.66 -4.47
CA VAL E 14 21.38 1.55 -5.23
C VAL E 14 22.79 1.59 -4.68
N GLN E 15 23.77 1.86 -5.55
CA GLN E 15 25.16 1.95 -5.14
C GLN E 15 25.23 2.89 -3.95
N ASN E 16 26.10 2.60 -2.99
CA ASN E 16 26.18 3.42 -1.80
C ASN E 16 26.54 4.88 -2.05
N GLY E 17 27.64 5.11 -2.78
CA GLY E 17 28.07 6.46 -3.07
C GLY E 17 27.25 7.20 -4.11
N PHE E 18 26.50 6.43 -4.89
CA PHE E 18 25.64 6.96 -5.94
C PHE E 18 24.47 7.73 -5.33
N HIS E 19 24.30 8.96 -5.79
CA HIS E 19 23.24 9.83 -5.31
C HIS E 19 22.21 9.92 -6.45
N VAL E 20 20.95 10.10 -6.10
CA VAL E 20 19.91 10.21 -7.10
C VAL E 20 18.83 11.18 -6.63
N ASN E 21 18.07 11.74 -7.58
CA ASN E 21 17.01 12.69 -7.26
C ASN E 21 16.33 12.37 -5.92
N GLU E 22 16.47 13.28 -4.97
CA GLU E 22 15.86 13.13 -3.65
C GLU E 22 14.34 13.25 -3.76
N GLU E 23 13.90 14.00 -4.76
CA GLU E 23 12.47 14.20 -5.01
C GLU E 23 12.03 13.05 -5.91
N PHE E 24 12.41 11.84 -5.49
CA PHE E 24 12.09 10.61 -6.20
C PHE E 24 12.17 9.51 -5.15
N LEU E 25 12.98 9.74 -4.13
CA LEU E 25 13.09 8.77 -3.07
C LEU E 25 11.80 8.78 -2.27
N GLN E 26 11.46 9.92 -1.68
CA GLN E 26 10.21 10.00 -0.92
C GLN E 26 9.11 9.62 -1.87
N MET E 27 9.23 10.10 -3.10
CA MET E 27 8.27 9.79 -4.16
C MET E 27 7.95 8.31 -4.02
N LEU E 28 8.98 7.48 -4.25
CA LEU E 28 8.84 6.04 -4.11
C LEU E 28 8.31 5.78 -2.70
N LYS E 29 9.16 6.08 -1.73
CA LYS E 29 8.89 5.92 -0.30
C LYS E 29 7.42 6.06 0.10
N MET E 30 6.80 7.15 -0.36
CA MET E 30 5.39 7.41 -0.06
C MET E 30 4.39 6.63 -0.89
N TYR E 31 4.47 6.81 -2.22
CA TYR E 31 3.55 6.15 -3.15
C TYR E 31 3.73 4.65 -3.21
N PHE E 32 4.94 4.19 -3.48
CA PHE E 32 5.19 2.76 -3.57
C PHE E 32 5.65 2.13 -2.26
N ASN E 33 5.67 2.90 -1.19
CA ASN E 33 6.08 2.41 0.13
C ASN E 33 7.40 1.63 0.01
N ALA E 34 8.27 2.13 -0.85
CA ALA E 34 9.57 1.51 -1.11
C ALA E 34 10.53 1.50 0.07
N GLU E 35 11.47 0.56 0.06
CA GLU E 35 12.50 0.43 1.10
C GLU E 35 13.81 0.75 0.40
N VAL E 36 14.30 1.97 0.59
CA VAL E 36 15.55 2.35 -0.07
C VAL E 36 16.79 1.85 0.65
N ASN E 37 17.31 0.73 0.16
CA ASN E 37 18.48 0.09 0.75
C ASN E 37 19.71 0.30 -0.10
N HIS E 38 20.83 0.66 0.55
CA HIS E 38 22.10 0.91 -0.12
C HIS E 38 22.96 -0.34 -0.11
N VAL E 39 23.44 -0.74 -1.29
CA VAL E 39 24.29 -1.92 -1.47
C VAL E 39 25.52 -1.59 -2.30
N ASP E 40 26.28 -2.62 -2.68
CA ASP E 40 27.48 -2.45 -3.51
C ASP E 40 27.42 -3.40 -4.73
N PHE E 41 26.78 -2.92 -5.79
CA PHE E 41 26.58 -3.70 -6.99
C PHE E 41 27.83 -4.23 -7.66
N SER E 42 29.00 -3.86 -7.15
CA SER E 42 30.25 -4.35 -7.73
C SER E 42 30.44 -5.82 -7.31
N GLN E 43 30.02 -6.10 -6.08
CA GLN E 43 30.12 -7.43 -5.45
C GLN E 43 29.07 -8.44 -5.95
N ASN E 44 28.97 -8.60 -7.27
CA ASN E 44 28.01 -9.49 -7.90
C ASN E 44 27.30 -10.49 -6.98
N VAL E 45 28.03 -11.49 -6.50
CA VAL E 45 27.44 -12.50 -5.64
C VAL E 45 26.81 -11.90 -4.38
N ALA E 46 27.53 -10.99 -3.74
CA ALA E 46 27.07 -10.32 -2.51
C ALA E 46 25.74 -9.59 -2.64
N VAL E 47 25.53 -8.93 -3.78
CA VAL E 47 24.29 -8.19 -4.02
C VAL E 47 23.12 -9.12 -4.38
N ALA E 48 23.41 -10.22 -5.06
CA ALA E 48 22.37 -11.16 -5.43
C ALA E 48 21.79 -11.76 -4.15
N ASN E 49 22.66 -12.30 -3.29
CA ASN E 49 22.19 -12.86 -2.02
C ASN E 49 21.30 -11.80 -1.37
N SER E 50 21.82 -10.60 -1.25
CA SER E 50 21.08 -9.49 -0.67
C SER E 50 19.65 -9.55 -1.23
N ILE E 51 19.48 -9.02 -2.43
CA ILE E 51 18.19 -9.01 -3.12
C ILE E 51 17.41 -10.32 -3.05
N ASN E 52 18.10 -11.44 -3.18
CA ASN E 52 17.43 -12.73 -3.14
C ASN E 52 16.85 -12.93 -1.76
N LYS E 53 17.65 -12.62 -0.75
CA LYS E 53 17.25 -12.78 0.63
C LYS E 53 16.09 -11.84 0.93
N TRP E 54 15.95 -10.78 0.14
CA TRP E 54 14.86 -9.81 0.31
C TRP E 54 13.56 -10.39 -0.23
N VAL E 55 13.55 -10.68 -1.54
CA VAL E 55 12.36 -11.23 -2.19
C VAL E 55 12.04 -12.59 -1.57
N GLU E 56 13.08 -13.30 -1.17
CA GLU E 56 12.92 -14.61 -0.55
C GLU E 56 12.41 -14.40 0.86
N ASN E 57 12.11 -13.14 1.18
CA ASN E 57 11.63 -12.76 2.51
C ASN E 57 10.23 -12.16 2.52
N TYR E 58 9.86 -11.52 1.41
CA TYR E 58 8.53 -10.91 1.28
C TYR E 58 7.56 -11.75 0.48
N THR E 59 7.94 -12.99 0.18
CA THR E 59 7.08 -13.90 -0.55
C THR E 59 7.10 -15.27 0.11
N ASN E 60 7.37 -15.26 1.41
CA ASN E 60 7.42 -16.46 2.23
C ASN E 60 8.38 -17.55 1.76
N SER E 61 9.37 -17.18 0.96
CA SER E 61 10.37 -18.11 0.45
C SER E 61 9.88 -19.01 -0.68
N LEU E 62 8.90 -18.55 -1.45
CA LEU E 62 8.42 -19.34 -2.57
C LEU E 62 9.26 -18.98 -3.80
N LEU E 63 9.91 -17.81 -3.75
CA LEU E 63 10.77 -17.35 -4.84
C LEU E 63 12.17 -17.11 -4.29
N LYS E 64 12.94 -18.17 -4.21
CA LYS E 64 14.30 -18.13 -3.67
C LYS E 64 15.38 -17.52 -4.57
N ASP E 65 15.21 -17.63 -5.88
CA ASP E 65 16.20 -17.08 -6.80
C ASP E 65 15.60 -16.09 -7.76
N LEU E 66 15.47 -14.83 -7.35
CA LEU E 66 14.88 -13.82 -8.22
C LEU E 66 15.95 -13.28 -9.18
N VAL E 67 16.81 -12.41 -8.68
CA VAL E 67 17.88 -11.83 -9.49
C VAL E 67 19.13 -12.69 -9.35
N SER E 68 20.02 -12.61 -10.34
CA SER E 68 21.25 -13.40 -10.31
C SER E 68 22.49 -12.53 -10.51
N PRO E 69 23.67 -13.05 -10.11
CA PRO E 69 24.91 -12.28 -10.25
C PRO E 69 25.13 -11.85 -11.69
N GLU E 70 24.53 -12.59 -12.61
CA GLU E 70 24.61 -12.31 -14.04
C GLU E 70 23.73 -11.12 -14.46
N ASP E 71 22.66 -10.86 -13.72
CA ASP E 71 21.80 -9.74 -14.08
C ASP E 71 22.48 -8.41 -13.76
N PHE E 72 23.50 -8.47 -12.91
CA PHE E 72 24.23 -7.28 -12.51
C PHE E 72 25.44 -7.07 -13.46
N ASP E 73 26.38 -6.21 -13.07
CA ASP E 73 27.58 -5.96 -13.92
C ASP E 73 28.36 -4.78 -13.34
N GLY E 74 29.36 -4.19 -13.94
CA GLY E 74 30.01 -3.04 -13.17
C GLY E 74 29.16 -1.68 -13.13
N VAL E 75 28.28 -1.48 -14.12
CA VAL E 75 27.54 -0.18 -14.31
C VAL E 75 26.20 -0.12 -13.59
N THR E 76 25.86 -1.21 -12.90
CA THR E 76 24.62 -1.30 -12.16
C THR E 76 24.61 -0.36 -10.96
N ASN E 77 23.81 0.69 -11.06
CA ASN E 77 23.68 1.69 -10.01
C ASN E 77 22.40 1.50 -9.21
N LEU E 78 21.33 1.12 -9.91
CA LEU E 78 20.04 0.91 -9.26
C LEU E 78 19.53 -0.49 -9.54
N ALA E 79 18.35 -0.79 -9.00
CA ALA E 79 17.71 -2.09 -9.16
C ALA E 79 16.36 -2.05 -8.45
N LEU E 80 15.30 -1.81 -9.22
CA LEU E 80 13.94 -1.77 -8.67
C LEU E 80 13.41 -3.19 -8.46
N ILE E 81 12.79 -3.46 -7.32
CA ILE E 81 12.27 -4.81 -7.09
C ILE E 81 10.91 -4.80 -6.42
N ASN E 82 9.99 -5.63 -6.91
CA ASN E 82 8.67 -5.75 -6.30
C ASN E 82 8.35 -7.21 -5.99
N ALA E 83 7.62 -7.44 -4.91
CA ALA E 83 7.27 -8.79 -4.53
C ALA E 83 5.83 -8.89 -4.05
N VAL E 84 5.01 -9.59 -4.83
CA VAL E 84 3.59 -9.82 -4.52
C VAL E 84 3.43 -11.20 -3.89
N TYR E 85 2.66 -11.30 -2.81
CA TYR E 85 2.47 -12.61 -2.18
C TYR E 85 1.01 -12.85 -1.78
N PHE E 86 0.39 -13.84 -2.41
CA PHE E 86 -1.01 -14.16 -2.13
C PHE E 86 -1.15 -15.42 -1.28
N LYS E 87 -2.12 -15.40 -0.36
CA LYS E 87 -2.35 -16.53 0.51
C LYS E 87 -3.77 -16.48 1.10
N GLY E 88 -4.67 -17.29 0.55
CA GLY E 88 -6.04 -17.34 1.04
C GLY E 88 -6.60 -18.75 1.12
N ASN E 89 -7.82 -18.88 1.61
CA ASN E 89 -8.44 -20.21 1.73
C ASN E 89 -9.74 -20.27 0.92
N TRP E 90 -9.89 -21.35 0.15
CA TRP E 90 -11.10 -21.51 -0.64
C TRP E 90 -12.23 -21.20 0.33
N LYS E 91 -13.21 -20.41 -0.10
CA LYS E 91 -14.34 -20.09 0.78
C LYS E 91 -14.95 -21.45 1.12
N SER E 92 -15.04 -22.31 0.12
CA SER E 92 -15.54 -23.67 0.28
C SER E 92 -14.44 -24.60 -0.21
N GLN E 93 -13.57 -25.02 0.71
CA GLN E 93 -12.44 -25.89 0.40
C GLN E 93 -12.77 -27.36 0.14
N PHE E 94 -11.95 -27.98 -0.72
CA PHE E 94 -12.09 -29.38 -1.09
C PHE E 94 -11.78 -30.27 0.10
N ARG E 95 -12.09 -31.55 -0.02
CA ARG E 95 -11.79 -32.49 1.05
C ARG E 95 -10.59 -33.30 0.57
N PRO E 96 -9.56 -33.41 1.42
CA PRO E 96 -8.40 -34.19 0.98
C PRO E 96 -8.77 -35.67 0.89
N GLU E 97 -9.98 -36.00 1.34
CA GLU E 97 -10.47 -37.36 1.32
C GLU E 97 -11.27 -37.70 0.04
N ASN E 98 -11.52 -36.70 -0.81
CA ASN E 98 -12.25 -36.94 -2.06
C ASN E 98 -11.27 -36.79 -3.21
N THR E 99 -10.01 -36.62 -2.85
CA THR E 99 -8.93 -36.46 -3.83
C THR E 99 -8.49 -37.85 -4.27
N ARG E 100 -8.73 -38.17 -5.54
CA ARG E 100 -8.34 -39.46 -6.09
C ARG E 100 -7.57 -39.26 -7.40
N THR E 101 -6.61 -40.14 -7.69
CA THR E 101 -5.84 -40.00 -8.91
C THR E 101 -6.78 -39.98 -10.09
N PHE E 102 -6.44 -39.18 -11.08
CA PHE E 102 -7.23 -39.06 -12.31
C PHE E 102 -6.16 -38.91 -13.37
N SER E 103 -6.55 -39.00 -14.64
CA SER E 103 -5.58 -38.89 -15.73
C SER E 103 -5.75 -37.61 -16.52
N PHE E 104 -4.88 -36.64 -16.25
CA PHE E 104 -4.92 -35.37 -16.96
C PHE E 104 -4.31 -35.63 -18.34
N THR E 105 -5.07 -35.30 -19.37
CA THR E 105 -4.61 -35.49 -20.73
C THR E 105 -4.27 -34.12 -21.34
N LYS E 106 -2.98 -33.84 -21.45
CA LYS E 106 -2.52 -32.57 -22.01
C LYS E 106 -3.02 -32.46 -23.45
N ASP E 107 -3.17 -31.24 -23.97
CA ASP E 107 -3.61 -31.05 -25.35
C ASP E 107 -2.66 -31.81 -26.27
N ASP E 108 -1.50 -32.18 -25.73
CA ASP E 108 -0.44 -32.92 -26.42
C ASP E 108 -0.84 -34.39 -26.66
N GLU E 109 -2.04 -34.76 -26.21
CA GLU E 109 -2.55 -36.12 -26.31
C GLU E 109 -1.70 -37.03 -25.44
N SER E 110 -0.88 -36.42 -24.58
CA SER E 110 -0.02 -37.17 -23.66
C SER E 110 -0.84 -37.45 -22.41
N GLU E 111 -0.27 -38.21 -21.49
CA GLU E 111 -0.97 -38.54 -20.27
C GLU E 111 -0.15 -38.19 -19.04
N VAL E 112 -0.83 -37.84 -17.96
CA VAL E 112 -0.16 -37.52 -16.72
C VAL E 112 -1.05 -37.90 -15.54
N GLN E 113 -0.63 -38.88 -14.74
CA GLN E 113 -1.42 -39.27 -13.59
C GLN E 113 -1.36 -38.10 -12.63
N ILE E 114 -2.41 -37.90 -11.84
CA ILE E 114 -2.41 -36.74 -10.97
C ILE E 114 -3.48 -36.77 -9.87
N PRO E 115 -3.22 -36.08 -8.73
CA PRO E 115 -4.15 -36.01 -7.59
C PRO E 115 -5.30 -35.07 -7.94
N MET E 116 -6.52 -35.61 -7.97
CA MET E 116 -7.69 -34.84 -8.31
C MET E 116 -8.57 -34.44 -7.13
N MET E 117 -8.79 -33.14 -7.02
CA MET E 117 -9.60 -32.59 -5.94
C MET E 117 -11.06 -32.60 -6.38
N TYR E 118 -11.93 -32.99 -5.45
CA TYR E 118 -13.35 -33.06 -5.70
C TYR E 118 -14.23 -32.49 -4.59
N GLN E 119 -15.33 -31.85 -4.98
CA GLN E 119 -16.28 -31.29 -4.03
C GLN E 119 -17.50 -30.76 -4.77
N GLN E 120 -18.65 -30.78 -4.10
CA GLN E 120 -19.86 -30.23 -4.68
C GLN E 120 -20.07 -28.90 -3.98
N GLY E 121 -19.86 -27.78 -4.67
CA GLY E 121 -20.03 -26.51 -3.99
C GLY E 121 -20.70 -25.38 -4.74
N GLU E 122 -20.86 -24.25 -4.06
CA GLU E 122 -21.48 -23.07 -4.63
C GLU E 122 -20.43 -22.22 -5.34
N PHE E 123 -20.44 -22.27 -6.67
CA PHE E 123 -19.46 -21.52 -7.43
C PHE E 123 -20.09 -20.65 -8.52
N TYR E 124 -19.34 -19.64 -8.95
CA TYR E 124 -19.84 -18.76 -10.01
C TYR E 124 -19.55 -19.57 -11.26
N TYR E 125 -20.61 -20.04 -11.90
CA TYR E 125 -20.48 -20.86 -13.10
C TYR E 125 -21.02 -20.18 -14.36
N GLY E 126 -20.39 -20.46 -15.49
CA GLY E 126 -20.83 -19.86 -16.73
C GLY E 126 -20.32 -20.56 -17.97
N GLU E 127 -21.21 -20.74 -18.93
CA GLU E 127 -20.85 -21.38 -20.19
C GLU E 127 -20.98 -20.33 -21.28
N PHE E 128 -20.03 -20.34 -22.22
CA PHE E 128 -20.04 -19.37 -23.31
C PHE E 128 -19.77 -20.03 -24.68
N SER E 129 -20.40 -19.47 -25.72
CA SER E 129 -20.26 -19.98 -27.07
C SER E 129 -18.88 -19.75 -27.66
N ASP E 130 -18.47 -20.65 -28.56
CA ASP E 130 -17.15 -20.56 -29.20
C ASP E 130 -17.26 -20.65 -30.72
N GLY E 131 -16.13 -20.43 -31.39
CA GLY E 131 -16.07 -20.46 -32.84
C GLY E 131 -16.97 -21.51 -33.47
N SER E 132 -16.73 -22.78 -33.16
CA SER E 132 -17.53 -23.86 -33.70
C SER E 132 -18.53 -24.34 -32.65
N ASN E 133 -19.80 -24.40 -33.04
CA ASN E 133 -20.84 -24.83 -32.11
C ASN E 133 -21.40 -26.21 -32.43
N GLU E 134 -20.52 -27.10 -32.89
CA GLU E 134 -20.89 -28.47 -33.19
C GLU E 134 -21.55 -29.04 -31.93
N ALA E 135 -20.76 -29.64 -31.05
CA ALA E 135 -21.29 -30.21 -29.82
C ALA E 135 -21.54 -29.06 -28.85
N GLY E 136 -22.45 -28.17 -29.22
CA GLY E 136 -22.75 -27.03 -28.38
C GLY E 136 -21.43 -26.36 -28.09
N GLY E 137 -20.89 -25.67 -29.09
CA GLY E 137 -19.62 -24.99 -28.92
C GLY E 137 -19.62 -24.07 -27.73
N ILE E 138 -19.48 -24.64 -26.53
CA ILE E 138 -19.47 -23.85 -25.31
C ILE E 138 -18.44 -24.36 -24.31
N TYR E 139 -17.52 -23.48 -23.93
CA TYR E 139 -16.48 -23.82 -22.96
C TYR E 139 -16.95 -23.31 -21.62
N GLN E 140 -16.57 -24.00 -20.56
CA GLN E 140 -16.99 -23.60 -19.23
C GLN E 140 -16.11 -22.54 -18.58
N VAL E 141 -16.60 -22.04 -17.46
CA VAL E 141 -15.91 -21.04 -16.67
C VAL E 141 -16.32 -21.23 -15.21
N LEU E 142 -15.33 -21.29 -14.33
CA LEU E 142 -15.60 -21.48 -12.92
C LEU E 142 -14.86 -20.41 -12.15
N GLU E 143 -15.53 -19.80 -11.18
CA GLU E 143 -14.93 -18.77 -10.36
C GLU E 143 -15.09 -19.21 -8.91
N ILE E 144 -13.97 -19.54 -8.29
CA ILE E 144 -13.96 -19.98 -6.90
C ILE E 144 -13.35 -18.86 -6.09
N PRO E 145 -14.11 -18.31 -5.14
CA PRO E 145 -13.62 -17.22 -4.30
C PRO E 145 -12.91 -17.77 -3.08
N TYR E 146 -12.01 -16.97 -2.50
CA TYR E 146 -11.30 -17.37 -1.29
C TYR E 146 -12.09 -16.81 -0.11
N GLU E 147 -11.62 -17.04 1.12
CA GLU E 147 -12.33 -16.57 2.30
C GLU E 147 -12.75 -15.12 2.24
N GLY E 148 -11.80 -14.21 2.20
CA GLY E 148 -12.25 -12.83 2.08
C GLY E 148 -12.96 -12.78 0.74
N ASP E 149 -14.22 -12.34 0.71
CA ASP E 149 -14.96 -12.26 -0.55
C ASP E 149 -14.29 -11.34 -1.59
N GLU E 150 -12.98 -11.21 -1.55
CA GLU E 150 -12.26 -10.32 -2.47
C GLU E 150 -11.51 -10.97 -3.62
N ILE E 151 -10.91 -12.13 -3.39
CA ILE E 151 -10.14 -12.78 -4.46
C ILE E 151 -10.87 -14.02 -4.97
N SER E 152 -10.68 -14.31 -6.26
CA SER E 152 -11.29 -15.46 -6.92
C SER E 152 -10.33 -16.06 -7.91
N MET E 153 -10.61 -17.31 -8.30
CA MET E 153 -9.81 -18.04 -9.29
C MET E 153 -10.74 -18.36 -10.45
N MET E 154 -10.53 -17.71 -11.59
CA MET E 154 -11.37 -17.95 -12.77
C MET E 154 -10.78 -18.99 -13.74
N LEU E 155 -11.55 -20.03 -14.02
CA LEU E 155 -11.12 -21.08 -14.95
C LEU E 155 -11.80 -20.90 -16.31
N ALA E 156 -11.02 -21.02 -17.38
CA ALA E 156 -11.57 -20.95 -18.72
C ALA E 156 -11.28 -22.35 -19.19
N LEU E 157 -12.32 -23.18 -19.30
CA LEU E 157 -12.13 -24.58 -19.69
C LEU E 157 -12.89 -25.01 -20.96
N SER E 158 -12.23 -25.86 -21.76
CA SER E 158 -12.85 -26.37 -22.99
C SER E 158 -13.16 -27.87 -22.87
N ARG E 159 -13.50 -28.51 -23.99
CA ARG E 159 -13.80 -29.93 -24.00
C ARG E 159 -12.52 -30.70 -24.25
N GLN E 160 -12.42 -31.92 -23.74
CA GLN E 160 -11.19 -32.70 -23.92
C GLN E 160 -10.86 -32.80 -25.40
N GLU E 161 -11.87 -33.04 -26.23
CA GLU E 161 -11.64 -33.17 -27.65
C GLU E 161 -11.24 -31.86 -28.34
N VAL E 162 -11.06 -30.81 -27.55
CA VAL E 162 -10.66 -29.51 -28.10
C VAL E 162 -9.54 -28.86 -27.27
N PRO E 163 -8.49 -28.37 -27.95
CA PRO E 163 -7.38 -27.73 -27.25
C PRO E 163 -7.77 -26.45 -26.53
N LEU E 164 -6.90 -26.00 -25.63
CA LEU E 164 -7.10 -24.77 -24.86
C LEU E 164 -6.63 -23.62 -25.75
N ALA E 165 -5.94 -24.00 -26.83
CA ALA E 165 -5.39 -23.08 -27.81
C ALA E 165 -6.42 -22.59 -28.83
N THR E 166 -7.55 -23.28 -28.89
CA THR E 166 -8.60 -22.89 -29.82
C THR E 166 -9.50 -21.88 -29.10
N LEU E 167 -9.21 -21.68 -27.82
CA LEU E 167 -9.95 -20.78 -26.95
C LEU E 167 -9.08 -19.59 -26.53
N GLU E 168 -7.76 -19.72 -26.68
CA GLU E 168 -6.84 -18.64 -26.30
C GLU E 168 -6.95 -17.37 -27.15
N PRO E 169 -7.12 -17.51 -28.48
CA PRO E 169 -7.25 -16.35 -29.38
C PRO E 169 -8.48 -15.49 -29.10
N LEU E 170 -9.49 -16.10 -28.49
CA LEU E 170 -10.71 -15.37 -28.14
C LEU E 170 -10.43 -14.40 -26.98
N LEU E 171 -9.55 -14.83 -26.07
CA LEU E 171 -9.18 -14.04 -24.90
C LEU E 171 -9.00 -12.55 -25.20
N LYS E 172 -9.71 -11.72 -24.44
CA LYS E 172 -9.63 -10.28 -24.56
C LYS E 172 -10.06 -9.71 -23.21
N ALA E 173 -9.70 -8.46 -22.95
CA ALA E 173 -10.06 -7.82 -21.70
C ALA E 173 -11.58 -7.83 -21.49
N GLN E 174 -12.35 -7.52 -22.53
CA GLN E 174 -13.79 -7.51 -22.39
C GLN E 174 -14.42 -8.90 -22.38
N LEU E 175 -13.59 -9.93 -22.52
CA LEU E 175 -14.06 -11.31 -22.51
C LEU E 175 -14.00 -11.74 -21.03
N ILE E 176 -13.10 -11.10 -20.31
CA ILE E 176 -12.92 -11.37 -18.89
C ILE E 176 -13.95 -10.59 -18.13
N GLU E 177 -14.42 -9.47 -18.68
CA GLU E 177 -15.46 -8.70 -17.99
C GLU E 177 -16.78 -9.46 -18.19
N GLU E 178 -16.98 -10.00 -19.38
CA GLU E 178 -18.18 -10.76 -19.63
C GLU E 178 -18.14 -12.04 -18.81
N TRP E 179 -16.96 -12.39 -18.29
CA TRP E 179 -16.78 -13.58 -17.45
C TRP E 179 -17.57 -13.32 -16.17
N ALA E 180 -17.24 -12.20 -15.51
CA ALA E 180 -17.86 -11.81 -14.26
C ALA E 180 -19.15 -10.97 -14.36
N ASN E 181 -19.86 -11.08 -15.46
CA ASN E 181 -21.11 -10.37 -15.66
C ASN E 181 -22.12 -11.41 -16.13
N SER E 182 -21.73 -12.68 -15.99
CA SER E 182 -22.55 -13.79 -16.42
C SER E 182 -22.37 -15.00 -15.50
N VAL E 183 -21.20 -15.16 -14.90
CA VAL E 183 -20.98 -16.30 -14.01
C VAL E 183 -21.97 -16.26 -12.86
N LYS E 184 -23.06 -17.01 -13.00
CA LYS E 184 -24.10 -17.08 -11.99
C LYS E 184 -23.70 -18.14 -10.96
N LYS E 185 -23.90 -17.85 -9.68
CA LYS E 185 -23.57 -18.79 -8.60
C LYS E 185 -24.60 -19.90 -8.50
N GLN E 186 -24.16 -21.11 -8.81
CA GLN E 186 -25.02 -22.28 -8.81
C GLN E 186 -24.54 -23.32 -7.82
N LYS E 187 -24.81 -24.58 -8.12
CA LYS E 187 -24.42 -25.66 -7.23
C LYS E 187 -23.52 -26.68 -7.94
N VAL E 188 -22.63 -26.20 -8.80
CA VAL E 188 -21.72 -27.04 -9.58
C VAL E 188 -20.85 -28.07 -8.81
N GLU E 189 -20.56 -29.19 -9.49
CA GLU E 189 -19.72 -30.26 -8.96
C GLU E 189 -18.34 -30.16 -9.64
N VAL E 190 -17.36 -29.56 -8.97
CA VAL E 190 -16.03 -29.39 -9.56
C VAL E 190 -15.06 -30.54 -9.33
N TYR E 191 -14.06 -30.59 -10.22
CA TYR E 191 -13.00 -31.58 -10.23
C TYR E 191 -11.75 -30.84 -10.69
N LEU E 192 -11.08 -30.21 -9.74
CA LEU E 192 -9.87 -29.45 -10.04
C LEU E 192 -8.72 -30.32 -9.55
N PRO E 193 -7.52 -30.11 -10.08
CA PRO E 193 -6.38 -30.92 -9.64
C PRO E 193 -5.50 -30.18 -8.65
N ARG E 194 -4.77 -30.92 -7.82
CA ARG E 194 -3.84 -30.32 -6.86
C ARG E 194 -2.60 -30.07 -7.70
N PHE E 195 -2.11 -28.85 -7.71
CA PHE E 195 -0.96 -28.55 -8.55
C PHE E 195 -0.19 -27.32 -8.12
N THR E 196 1.11 -27.34 -8.38
CA THR E 196 1.96 -26.21 -8.05
C THR E 196 2.94 -25.96 -9.18
N VAL E 197 2.85 -24.78 -9.79
CA VAL E 197 3.72 -24.43 -10.90
C VAL E 197 4.39 -23.06 -10.74
N GLU E 198 5.65 -22.95 -11.16
CA GLU E 198 6.41 -21.72 -11.07
C GLU E 198 7.15 -21.43 -12.37
N GLN E 199 6.87 -20.26 -12.96
CA GLN E 199 7.50 -19.85 -14.20
C GLN E 199 8.56 -18.80 -13.94
N GLU E 200 9.36 -18.50 -14.96
CA GLU E 200 10.42 -17.51 -14.83
C GLU E 200 10.62 -16.72 -16.13
N ILE E 201 9.72 -15.78 -16.39
CA ILE E 201 9.76 -14.93 -17.56
C ILE E 201 11.03 -14.07 -17.53
N ASP E 202 11.27 -13.35 -18.62
CA ASP E 202 12.41 -12.44 -18.75
C ASP E 202 11.87 -11.18 -19.43
N LEU E 203 11.37 -10.26 -18.60
CA LEU E 203 10.80 -9.00 -19.05
C LEU E 203 11.50 -8.27 -20.19
N LYS E 204 12.36 -7.31 -19.84
CA LYS E 204 13.12 -6.50 -20.79
C LYS E 204 12.60 -6.60 -22.21
N ASP E 205 12.81 -7.74 -22.83
CA ASP E 205 12.36 -7.94 -24.20
C ASP E 205 10.84 -7.91 -24.36
N ILE E 206 10.10 -8.56 -23.46
CA ILE E 206 8.64 -8.55 -23.59
C ILE E 206 8.09 -7.14 -23.41
N LEU E 207 8.78 -6.33 -22.61
CA LEU E 207 8.36 -4.94 -22.39
C LEU E 207 8.52 -4.23 -23.71
N LYS E 208 9.67 -4.43 -24.34
CA LYS E 208 9.97 -3.83 -25.64
C LYS E 208 8.99 -4.40 -26.69
N ALA E 209 8.79 -5.71 -26.64
CA ALA E 209 7.88 -6.40 -27.56
C ALA E 209 6.44 -6.26 -27.06
N LEU E 210 6.17 -5.13 -26.41
CA LEU E 210 4.84 -4.85 -25.86
C LEU E 210 4.57 -3.35 -25.90
N GLY E 211 5.64 -2.55 -25.91
CA GLY E 211 5.47 -1.11 -25.95
C GLY E 211 6.57 -0.26 -25.34
N VAL E 212 6.70 -0.34 -24.02
CA VAL E 212 7.71 0.43 -23.29
C VAL E 212 9.00 0.52 -24.09
N THR E 213 9.39 1.74 -24.47
CA THR E 213 10.60 1.96 -25.24
C THR E 213 11.51 2.92 -24.48
N GLU E 214 11.04 3.39 -23.34
CA GLU E 214 11.80 4.32 -22.51
C GLU E 214 12.17 3.66 -21.19
N PHE E 232 18.71 3.37 -19.72
CA PHE E 232 17.81 2.23 -20.10
C PHE E 232 18.22 1.01 -19.30
N LEU E 233 17.23 0.28 -18.76
CA LEU E 233 17.56 -0.90 -17.97
C LEU E 233 18.52 -1.84 -18.67
N SER E 234 19.42 -2.43 -17.90
CA SER E 234 20.40 -3.37 -18.44
C SER E 234 19.90 -4.77 -18.17
N LYS E 235 18.61 -4.89 -17.90
CA LYS E 235 17.99 -6.19 -17.62
C LYS E 235 16.63 -6.02 -16.94
N ALA E 236 15.92 -7.14 -16.79
CA ALA E 236 14.61 -7.18 -16.15
C ALA E 236 14.36 -8.66 -15.84
N VAL E 237 13.78 -8.94 -14.67
CA VAL E 237 13.53 -10.32 -14.27
C VAL E 237 12.21 -10.52 -13.53
N HIS E 238 11.36 -11.41 -14.04
CA HIS E 238 10.08 -11.72 -13.39
C HIS E 238 10.07 -13.19 -13.01
N LYS E 239 9.33 -13.54 -11.96
CA LYS E 239 9.26 -14.93 -11.51
C LYS E 239 8.08 -15.06 -10.57
N SER E 240 7.43 -16.21 -10.58
CA SER E 240 6.27 -16.41 -9.71
C SER E 240 5.82 -17.86 -9.69
N CYS E 241 5.25 -18.27 -8.57
CA CYS E 241 4.77 -19.63 -8.42
C CYS E 241 3.50 -19.59 -7.61
N ILE E 242 2.68 -20.62 -7.77
CA ILE E 242 1.43 -20.73 -7.03
C ILE E 242 1.30 -22.18 -6.61
N GLU E 243 0.60 -22.47 -5.53
CA GLU E 243 0.47 -23.86 -5.12
C GLU E 243 -0.97 -24.23 -4.77
N VAL E 244 -1.79 -24.46 -5.78
CA VAL E 244 -3.17 -24.82 -5.55
C VAL E 244 -3.26 -26.13 -4.77
N ASN E 245 -4.36 -26.35 -4.05
CA ASN E 245 -4.58 -27.58 -3.27
C ASN E 245 -5.86 -27.53 -2.44
N GLU E 246 -6.16 -28.60 -1.72
CA GLU E 246 -7.38 -28.68 -0.90
C GLU E 246 -7.69 -27.45 -0.04
N GLU E 247 -6.79 -27.06 0.85
CA GLU E 247 -7.04 -25.93 1.72
C GLU E 247 -7.36 -24.63 0.94
N GLY E 248 -6.40 -24.15 0.15
CA GLY E 248 -6.64 -22.94 -0.59
C GLY E 248 -5.62 -22.64 -1.69
N SER E 249 -4.84 -21.59 -1.50
CA SER E 249 -3.85 -21.23 -2.49
C SER E 249 -2.81 -20.28 -1.93
N GLU E 250 -1.55 -20.53 -2.27
CA GLU E 250 -0.43 -19.69 -1.84
C GLU E 250 0.44 -19.35 -3.02
N ALA E 251 0.33 -18.13 -3.52
CA ALA E 251 1.14 -17.70 -4.66
C ALA E 251 1.96 -16.47 -4.32
N ALA E 252 3.01 -16.24 -5.09
CA ALA E 252 3.89 -15.10 -4.88
C ALA E 252 4.59 -14.80 -6.16
N ALA E 253 5.11 -13.58 -6.27
CA ALA E 253 5.83 -13.14 -7.45
C ALA E 253 6.84 -12.10 -7.02
N ALA E 254 7.65 -11.64 -7.97
CA ALA E 254 8.68 -10.64 -7.73
C ALA E 254 9.23 -10.24 -9.09
N SER E 255 9.50 -8.95 -9.25
CA SER E 255 10.02 -8.44 -10.50
C SER E 255 11.24 -7.59 -10.22
N GLY E 256 12.25 -7.69 -11.08
CA GLY E 256 13.46 -6.93 -10.87
C GLY E 256 13.88 -6.10 -12.05
N MET E 257 13.85 -4.78 -11.87
CA MET E 257 14.25 -3.84 -12.90
C MET E 257 15.68 -3.40 -12.55
N ILE E 258 16.66 -3.94 -13.27
CA ILE E 258 18.06 -3.57 -13.03
C ILE E 258 18.45 -2.44 -13.95
N ALA E 259 18.73 -1.27 -13.36
CA ALA E 259 19.10 -0.09 -14.13
C ALA E 259 20.61 0.02 -14.29
N ILE E 260 21.03 0.58 -15.41
CA ILE E 260 22.45 0.75 -15.74
C ILE E 260 22.92 2.17 -15.46
N SER E 261 21.98 3.08 -15.23
CA SER E 261 22.30 4.47 -14.96
C SER E 261 21.34 5.09 -13.94
N TYR F 1 -27.11 -30.27 -12.32
CA TYR F 1 -25.73 -30.10 -11.75
C TYR F 1 -24.65 -29.94 -12.80
N PRO F 2 -24.22 -28.70 -13.04
CA PRO F 2 -23.17 -28.59 -14.04
C PRO F 2 -21.99 -29.40 -13.52
N GLN F 3 -21.26 -30.05 -14.42
CA GLN F 3 -20.11 -30.85 -14.02
C GLN F 3 -18.90 -30.23 -14.71
N VAL F 4 -17.90 -29.85 -13.93
CA VAL F 4 -16.71 -29.27 -14.55
C VAL F 4 -15.46 -29.97 -14.02
N ILE F 5 -15.05 -30.97 -14.80
CA ILE F 5 -13.87 -31.78 -14.52
C ILE F 5 -12.72 -31.12 -15.29
N VAL F 6 -11.82 -30.45 -14.58
CA VAL F 6 -10.69 -29.81 -15.23
C VAL F 6 -9.58 -30.84 -15.28
N ASP F 7 -9.85 -31.90 -16.04
CA ASP F 7 -8.92 -32.98 -16.21
C ASP F 7 -8.08 -32.80 -17.46
N HIS F 8 -8.05 -31.57 -17.97
CA HIS F 8 -7.27 -31.26 -19.15
C HIS F 8 -6.97 -29.75 -19.21
N PRO F 9 -5.95 -29.34 -19.98
CA PRO F 9 -5.53 -27.95 -20.13
C PRO F 9 -6.55 -26.83 -19.93
N PHE F 10 -6.13 -25.80 -19.18
CA PHE F 10 -6.94 -24.63 -18.91
C PHE F 10 -6.07 -23.43 -18.57
N LEU F 11 -6.65 -22.24 -18.64
CA LEU F 11 -5.92 -21.02 -18.29
C LEU F 11 -6.61 -20.50 -17.03
N TYR F 12 -5.91 -19.75 -16.19
CA TYR F 12 -6.55 -19.22 -15.00
C TYR F 12 -6.32 -17.75 -14.64
N LEU F 13 -7.07 -17.30 -13.65
CA LEU F 13 -6.98 -15.93 -13.17
C LEU F 13 -7.24 -15.82 -11.68
N ILE F 14 -6.19 -15.58 -10.88
CA ILE F 14 -6.41 -15.36 -9.46
C ILE F 14 -6.63 -13.86 -9.53
N ARG F 15 -7.89 -13.43 -9.48
CA ARG F 15 -8.14 -11.99 -9.56
C ARG F 15 -9.12 -11.52 -8.52
N ASN F 16 -9.11 -10.21 -8.29
CA ASN F 16 -10.00 -9.57 -7.33
C ASN F 16 -11.25 -9.09 -8.05
N ARG F 17 -12.40 -9.33 -7.45
CA ARG F 17 -13.66 -8.90 -8.07
C ARG F 17 -13.90 -7.41 -7.88
N LYS F 18 -14.35 -7.02 -6.69
CA LYS F 18 -14.65 -5.63 -6.42
C LYS F 18 -13.82 -4.63 -7.23
N SER F 19 -12.51 -4.88 -7.38
CA SER F 19 -11.66 -3.95 -8.13
C SER F 19 -11.38 -4.34 -9.57
N GLY F 20 -11.25 -5.64 -9.81
CA GLY F 20 -10.97 -6.13 -11.15
C GLY F 20 -9.50 -6.18 -11.54
N ILE F 21 -8.60 -6.04 -10.57
CA ILE F 21 -7.18 -6.11 -10.91
C ILE F 21 -6.78 -7.58 -10.85
N ILE F 22 -5.90 -7.98 -11.76
CA ILE F 22 -5.42 -9.35 -11.85
C ILE F 22 -4.15 -9.52 -11.03
N LEU F 23 -4.14 -10.53 -10.17
CA LEU F 23 -2.97 -10.79 -9.35
C LEU F 23 -2.03 -11.68 -10.14
N PHE F 24 -2.44 -12.93 -10.31
CA PHE F 24 -1.68 -13.94 -11.04
C PHE F 24 -2.51 -14.43 -12.22
N MET F 25 -1.84 -14.74 -13.31
CA MET F 25 -2.51 -15.22 -14.51
C MET F 25 -1.62 -16.25 -15.22
N GLY F 26 -2.24 -17.15 -16.00
CA GLY F 26 -1.51 -18.17 -16.71
C GLY F 26 -2.37 -19.32 -17.18
N ARG F 27 -1.73 -20.36 -17.70
CA ARG F 27 -2.43 -21.54 -18.18
C ARG F 27 -1.72 -22.78 -17.64
N VAL F 28 -2.46 -23.86 -17.46
CA VAL F 28 -1.86 -25.09 -16.96
C VAL F 28 -1.87 -26.16 -18.02
N MET F 29 -0.73 -26.35 -18.69
CA MET F 29 -0.59 -27.37 -19.73
C MET F 29 -0.24 -28.69 -19.07
N ASN F 30 0.70 -28.66 -18.11
CA ASN F 30 1.10 -29.85 -17.38
C ASN F 30 0.82 -29.63 -15.88
N PRO F 31 -0.11 -30.41 -15.31
CA PRO F 31 -0.49 -30.31 -13.89
C PRO F 31 0.52 -30.99 -12.99
N HIS F 32 1.46 -31.72 -13.60
CA HIS F 32 2.46 -32.44 -12.84
C HIS F 32 3.48 -31.61 -12.08
N HIS F 33 3.69 -32.01 -10.82
CA HIS F 33 4.62 -31.40 -9.87
C HIS F 33 3.97 -31.40 -8.48
#